data_9FD9
#
_entry.id   9FD9
#
_cell.length_a   48.095
_cell.length_b   72.531
_cell.length_c   70.688
_cell.angle_alpha   90.00
_cell.angle_beta   96.27
_cell.angle_gamma   90.00
#
_symmetry.space_group_name_H-M   'P 1 21 1'
#
loop_
_entity.id
_entity.type
_entity.pdbx_description
1 polymer 'Deoxyribose-phosphate aldolase'
2 non-polymer 4-nitro-cinnamaldehyde
3 non-polymer GLYCEROL
4 water water
#
_entity_poly.entity_id   1
_entity_poly.type   'polypeptide(L)'
_entity_poly.pdbx_seq_one_letter_code
;MTDLKASSLRALKLMDLSTLNGDYTDEKVIALCHQAKTPVGNTAAISVYPRSIPIARKTLKEQGTPEIRIATVTNFPHGN
DDIEIALAETRAAIAYGADEVDVVFPYRALMAGNEQVGFDLVKACKEACAAANVLLKVIIETGELKDEALIRKASEISIK
AGADFIKTSTGRVAVNATPESARIMMEVIRDMGVEKSVGFKVTGGVSTAEDAQKYLAIADELFGADWADARHYRFSASGL
LASLLKALGHGDGKSASSYLEHHHHHH
;
_entity_poly.pdbx_strand_id   A,B
#
loop_
_chem_comp.id
_chem_comp.type
_chem_comp.name
_chem_comp.formula
A1IB9 non-polymer 4-nitro-cinnamaldehyde 'C9 H9 N O3'
GOL non-polymer GLYCEROL 'C3 H8 O3'
#
# COMPACT_ATOMS: atom_id res chain seq x y z
N ASP A 3 -22.11 -29.11 21.36
CA ASP A 3 -20.83 -29.07 22.11
C ASP A 3 -20.15 -27.74 21.79
N LEU A 4 -20.37 -26.78 22.69
CA LEU A 4 -19.87 -25.43 22.51
C LEU A 4 -18.34 -25.40 22.45
N LYS A 5 -17.66 -26.25 23.23
CA LYS A 5 -16.21 -26.21 23.22
C LYS A 5 -15.68 -26.66 21.86
N ALA A 6 -16.31 -27.71 21.32
CA ALA A 6 -15.90 -28.26 20.04
C ALA A 6 -16.15 -27.25 18.92
N SER A 7 -17.28 -26.54 18.96
CA SER A 7 -17.56 -25.56 17.92
C SER A 7 -16.65 -24.35 18.07
N SER A 8 -16.32 -23.99 19.30
CA SER A 8 -15.48 -22.83 19.54
C SER A 8 -14.07 -23.02 19.03
N LEU A 9 -13.51 -24.21 19.30
CA LEU A 9 -12.23 -24.57 18.74
C LEU A 9 -12.25 -24.54 17.22
N ARG A 10 -13.29 -25.11 16.61
N ARG A 10 -13.32 -25.10 16.66
CA ARG A 10 -13.37 -25.10 15.15
CA ARG A 10 -13.47 -25.14 15.22
C ARG A 10 -13.43 -23.65 14.65
C ARG A 10 -13.48 -23.71 14.66
N ALA A 11 -14.26 -22.81 15.29
CA ALA A 11 -14.43 -21.44 14.82
C ALA A 11 -13.13 -20.66 14.95
N LEU A 12 -12.40 -20.88 16.05
CA LEU A 12 -11.16 -20.20 16.29
C LEU A 12 -10.19 -20.41 15.13
N LYS A 13 -10.10 -21.66 14.66
CA LYS A 13 -9.18 -22.05 13.61
C LYS A 13 -9.66 -21.61 12.24
N LEU A 14 -10.87 -21.03 12.20
CA LEU A 14 -11.45 -20.44 10.99
C LEU A 14 -11.42 -18.92 11.03
N MET A 15 -10.77 -18.32 12.01
CA MET A 15 -10.81 -16.86 12.08
C MET A 15 -9.79 -16.21 11.15
N ASP A 16 -10.22 -15.12 10.53
CA ASP A 16 -9.34 -14.08 10.02
C ASP A 16 -9.28 -12.99 11.06
N LEU A 17 -8.23 -13.02 11.91
CA LEU A 17 -8.21 -12.16 13.06
C LEU A 17 -7.77 -10.75 12.63
N SER A 18 -8.51 -9.75 13.06
CA SER A 18 -8.18 -8.38 12.65
C SER A 18 -8.27 -7.49 13.88
N THR A 19 -7.55 -6.36 13.88
CA THR A 19 -7.51 -5.48 15.04
C THR A 19 -8.91 -4.99 15.38
N THR A 25 -0.34 1.00 13.41
CA THR A 25 1.06 1.09 13.84
C THR A 25 1.63 -0.31 13.82
N ASP A 26 2.97 -0.36 13.80
CA ASP A 26 3.67 -1.62 13.78
C ASP A 26 3.36 -2.40 15.06
N GLU A 27 3.33 -1.69 16.19
CA GLU A 27 3.06 -2.32 17.47
C GLU A 27 1.71 -3.06 17.43
N LYS A 28 0.71 -2.45 16.80
CA LYS A 28 -0.59 -3.11 16.73
C LYS A 28 -0.57 -4.33 15.82
N VAL A 29 0.17 -4.25 14.69
CA VAL A 29 0.24 -5.38 13.77
C VAL A 29 0.93 -6.53 14.47
N ILE A 30 2.04 -6.19 15.14
CA ILE A 30 2.84 -7.21 15.80
C ILE A 30 2.00 -7.87 16.89
N ALA A 31 1.23 -7.08 17.66
CA ALA A 31 0.38 -7.64 18.69
C ALA A 31 -0.71 -8.52 18.07
N LEU A 32 -1.30 -8.10 16.95
CA LEU A 32 -2.29 -8.95 16.27
C LEU A 32 -1.71 -10.32 15.95
N CYS A 33 -0.52 -10.31 15.35
CA CYS A 33 0.13 -11.58 15.01
C CYS A 33 0.30 -12.46 16.24
N HIS A 34 0.78 -11.88 17.35
CA HIS A 34 0.90 -12.61 18.60
C HIS A 34 -0.43 -13.23 19.04
N GLN A 35 -1.50 -12.44 18.97
CA GLN A 35 -2.81 -12.87 19.40
C GLN A 35 -3.36 -14.03 18.56
N ALA A 36 -2.96 -14.06 17.28
CA ALA A 36 -3.35 -15.12 16.35
C ALA A 36 -2.78 -16.47 16.77
N LYS A 37 -1.66 -16.47 17.49
CA LYS A 37 -1.05 -17.69 18.00
C LYS A 37 -1.60 -17.98 19.38
N THR A 38 -2.70 -18.72 19.47
CA THR A 38 -3.40 -18.80 20.72
C THR A 38 -2.99 -20.08 21.42
N PRO A 39 -3.34 -20.18 22.72
CA PRO A 39 -3.02 -21.36 23.49
C PRO A 39 -3.69 -22.65 23.03
N VAL A 40 -4.79 -22.54 22.25
CA VAL A 40 -5.47 -23.71 21.74
C VAL A 40 -5.26 -23.93 20.24
N GLY A 41 -4.47 -23.07 19.60
CA GLY A 41 -4.21 -23.16 18.18
C GLY A 41 -4.15 -21.77 17.54
N ASN A 42 -3.81 -21.80 16.26
CA ASN A 42 -3.68 -20.63 15.44
C ASN A 42 -4.99 -20.35 14.72
N THR A 43 -5.27 -19.05 14.54
CA THR A 43 -6.34 -18.66 13.67
C THR A 43 -5.91 -19.02 12.26
N ALA A 44 -6.88 -19.04 11.32
CA ALA A 44 -6.57 -19.34 9.93
C ALA A 44 -5.66 -18.27 9.32
N ALA A 45 -5.97 -17.04 9.69
CA ALA A 45 -5.34 -15.88 9.07
C ALA A 45 -5.31 -14.72 10.04
N ILE A 46 -4.53 -13.70 9.67
CA ILE A 46 -4.75 -12.35 10.18
C ILE A 46 -5.16 -11.45 9.01
N SER A 47 -5.88 -10.37 9.32
N SER A 47 -5.85 -10.36 9.31
CA SER A 47 -6.28 -9.39 8.33
CA SER A 47 -6.28 -9.42 8.28
C SER A 47 -5.64 -8.05 8.68
C SER A 47 -5.71 -8.04 8.64
N VAL A 48 -4.98 -7.44 7.68
CA VAL A 48 -4.30 -6.18 7.90
C VAL A 48 -4.44 -5.33 6.65
N TYR A 49 -4.16 -4.03 6.77
CA TYR A 49 -4.07 -3.21 5.58
C TYR A 49 -2.85 -3.59 4.76
N PRO A 50 -2.86 -3.33 3.45
CA PRO A 50 -1.77 -3.82 2.59
C PRO A 50 -0.38 -3.41 3.06
N ARG A 51 -0.27 -2.17 3.52
CA ARG A 51 1.05 -1.65 3.89
C ARG A 51 1.67 -2.41 5.06
N SER A 52 0.85 -3.12 5.85
CA SER A 52 1.29 -3.83 7.04
C SER A 52 1.69 -5.27 6.74
N ILE A 53 1.52 -5.75 5.49
CA ILE A 53 1.80 -7.14 5.15
C ILE A 53 3.25 -7.51 5.41
N PRO A 54 4.26 -6.74 4.96
CA PRO A 54 5.66 -7.13 5.21
C PRO A 54 6.04 -7.36 6.67
N ILE A 55 5.64 -6.42 7.54
CA ILE A 55 5.97 -6.54 8.96
C ILE A 55 5.18 -7.67 9.61
N ALA A 56 3.96 -7.89 9.14
CA ALA A 56 3.20 -9.03 9.65
C ALA A 56 3.86 -10.35 9.26
N ARG A 57 4.35 -10.46 8.02
CA ARG A 57 4.98 -11.68 7.57
C ARG A 57 6.22 -11.98 8.41
N LYS A 58 7.02 -10.94 8.65
N LYS A 58 7.03 -10.95 8.62
CA LYS A 58 8.22 -11.10 9.43
CA LYS A 58 8.22 -11.06 9.44
C LYS A 58 7.85 -11.58 10.83
C LYS A 58 7.84 -11.58 10.82
N THR A 59 6.82 -10.97 11.44
CA THR A 59 6.44 -11.32 12.79
C THR A 59 5.93 -12.76 12.84
N LEU A 60 5.06 -13.12 11.88
CA LEU A 60 4.53 -14.48 11.88
C LEU A 60 5.66 -15.53 11.79
N LYS A 61 6.62 -15.25 10.89
CA LYS A 61 7.80 -16.09 10.74
C LYS A 61 8.60 -16.20 12.03
N GLU A 62 8.90 -15.05 12.64
CA GLU A 62 9.71 -14.99 13.85
C GLU A 62 9.05 -15.76 15.00
N GLN A 63 7.72 -15.85 15.03
CA GLN A 63 7.06 -16.54 16.14
C GLN A 63 6.76 -18.00 15.81
N GLY A 64 7.32 -18.51 14.71
CA GLY A 64 7.10 -19.88 14.32
C GLY A 64 5.66 -20.17 13.89
N THR A 65 4.94 -19.19 13.32
CA THR A 65 3.62 -19.51 12.74
C THR A 65 3.54 -19.07 11.28
N PRO A 66 4.39 -19.64 10.40
CA PRO A 66 4.44 -19.22 9.01
C PRO A 66 3.23 -19.64 8.20
N GLU A 67 2.43 -20.57 8.72
CA GLU A 67 1.25 -21.04 8.03
C GLU A 67 0.02 -20.20 8.34
N ILE A 68 0.10 -19.23 9.25
CA ILE A 68 -1.03 -18.31 9.42
C ILE A 68 -1.06 -17.43 8.16
N ARG A 69 -2.23 -17.35 7.51
CA ARG A 69 -2.33 -16.65 6.25
C ARG A 69 -2.39 -15.16 6.53
N ILE A 70 -1.99 -14.38 5.53
CA ILE A 70 -2.13 -12.95 5.60
C ILE A 70 -3.18 -12.51 4.57
N ALA A 71 -4.29 -12.03 5.09
CA ALA A 71 -5.33 -11.46 4.27
C ALA A 71 -5.33 -9.95 4.40
N THR A 72 -5.80 -9.27 3.34
CA THR A 72 -5.88 -7.83 3.33
C THR A 72 -7.18 -7.42 2.63
N VAL A 73 -7.35 -6.11 2.43
CA VAL A 73 -8.59 -5.58 1.88
C VAL A 73 -8.22 -4.59 0.79
N THR A 74 -9.03 -4.57 -0.28
CA THR A 74 -8.89 -3.61 -1.36
C THR A 74 -10.29 -3.15 -1.75
N ASN A 75 -10.32 -2.03 -2.50
CA ASN A 75 -11.51 -1.28 -2.84
C ASN A 75 -12.34 -0.99 -1.59
N PHE A 76 -11.65 -0.73 -0.49
CA PHE A 76 -12.23 -0.83 0.83
C PHE A 76 -12.16 0.47 1.61
N PRO A 77 -13.17 0.79 2.45
CA PRO A 77 -14.41 0.00 2.56
C PRO A 77 -15.58 0.35 1.63
N HIS A 78 -15.31 1.31 0.73
CA HIS A 78 -16.35 2.00 -0.04
C HIS A 78 -17.06 1.13 -1.08
N GLY A 79 -16.36 0.19 -1.69
CA GLY A 79 -16.90 -0.58 -2.82
C GLY A 79 -17.24 0.33 -3.99
N ASN A 80 -16.32 1.25 -4.31
CA ASN A 80 -16.49 2.11 -5.47
C ASN A 80 -16.44 1.27 -6.73
N ASP A 81 -16.90 1.85 -7.86
CA ASP A 81 -16.98 1.12 -9.11
C ASP A 81 -15.89 1.49 -10.09
N ASP A 82 -14.74 1.98 -9.59
CA ASP A 82 -13.62 2.25 -10.46
C ASP A 82 -12.74 1.01 -10.48
N ILE A 83 -12.86 0.24 -11.57
CA ILE A 83 -12.13 -1.01 -11.74
C ILE A 83 -10.62 -0.79 -11.67
N GLU A 84 -10.11 0.24 -12.34
CA GLU A 84 -8.68 0.48 -12.38
C GLU A 84 -8.13 0.70 -10.98
N ILE A 85 -8.83 1.49 -10.14
CA ILE A 85 -8.35 1.68 -8.78
C ILE A 85 -8.39 0.35 -8.01
N ALA A 86 -9.51 -0.35 -8.06
CA ALA A 86 -9.63 -1.61 -7.33
C ALA A 86 -8.54 -2.58 -7.75
N LEU A 87 -8.26 -2.64 -9.05
CA LEU A 87 -7.23 -3.55 -9.58
C LEU A 87 -5.84 -3.14 -9.11
N ALA A 88 -5.54 -1.84 -9.15
CA ALA A 88 -4.22 -1.37 -8.76
C ALA A 88 -3.99 -1.72 -7.30
N GLU A 89 -5.00 -1.46 -6.45
CA GLU A 89 -4.91 -1.80 -5.04
C GLU A 89 -4.67 -3.31 -4.86
N THR A 90 -5.35 -4.14 -5.63
CA THR A 90 -5.22 -5.58 -5.54
C THR A 90 -3.83 -6.06 -6.00
N ARG A 91 -3.32 -5.50 -7.09
CA ARG A 91 -1.96 -5.82 -7.51
C ARG A 91 -0.96 -5.40 -6.43
N ALA A 92 -1.17 -4.24 -5.81
CA ALA A 92 -0.26 -3.79 -4.75
C ALA A 92 -0.31 -4.76 -3.57
N ALA A 93 -1.52 -5.15 -3.16
CA ALA A 93 -1.71 -6.12 -2.09
C ALA A 93 -0.91 -7.39 -2.36
N ILE A 94 -1.03 -7.88 -3.60
CA ILE A 94 -0.28 -9.06 -4.02
C ILE A 94 1.23 -8.81 -3.87
N ALA A 95 1.72 -7.68 -4.35
CA ALA A 95 3.13 -7.37 -4.42
C ALA A 95 3.69 -7.20 -3.01
N TYR A 96 2.85 -6.73 -2.09
CA TYR A 96 3.27 -6.62 -0.70
C TYR A 96 3.51 -8.01 -0.08
N GLY A 97 2.83 -9.04 -0.63
CA GLY A 97 2.95 -10.40 -0.14
C GLY A 97 1.65 -11.00 0.41
N ALA A 98 0.48 -10.45 0.09
CA ALA A 98 -0.76 -11.03 0.60
C ALA A 98 -0.90 -12.50 0.20
N ASP A 99 -1.47 -13.33 1.10
CA ASP A 99 -1.96 -14.64 0.73
C ASP A 99 -3.38 -14.54 0.20
N GLU A 100 -4.14 -13.54 0.67
CA GLU A 100 -5.55 -13.44 0.30
C GLU A 100 -5.90 -11.97 0.20
N VAL A 101 -6.79 -11.63 -0.72
CA VAL A 101 -7.30 -10.28 -0.85
C VAL A 101 -8.80 -10.30 -0.75
N ASP A 102 -9.36 -9.51 0.18
CA ASP A 102 -10.78 -9.36 0.33
C ASP A 102 -11.15 -8.03 -0.34
N VAL A 103 -11.77 -8.08 -1.54
CA VAL A 103 -12.11 -6.91 -2.30
C VAL A 103 -13.58 -6.56 -2.04
N VAL A 104 -13.91 -5.27 -2.01
CA VAL A 104 -15.31 -4.86 -1.84
C VAL A 104 -15.99 -4.77 -3.21
N PHE A 105 -17.09 -5.55 -3.36
CA PHE A 105 -17.88 -5.52 -4.55
C PHE A 105 -18.53 -4.14 -4.70
N PRO A 106 -18.73 -3.71 -5.96
CA PRO A 106 -19.39 -2.43 -6.20
C PRO A 106 -20.90 -2.57 -6.01
N TYR A 107 -21.29 -2.55 -4.74
CA TYR A 107 -22.66 -2.84 -4.36
C TYR A 107 -23.59 -1.66 -4.67
N ARG A 108 -23.10 -0.41 -4.55
CA ARG A 108 -23.97 0.70 -4.93
C ARG A 108 -24.26 0.69 -6.42
N ALA A 109 -23.26 0.26 -7.23
CA ALA A 109 -23.44 0.14 -8.66
C ALA A 109 -24.51 -0.90 -8.97
N LEU A 110 -24.49 -2.03 -8.23
CA LEU A 110 -25.49 -3.06 -8.45
C LEU A 110 -26.88 -2.56 -8.05
N MET A 111 -26.99 -1.79 -6.97
CA MET A 111 -28.25 -1.23 -6.54
C MET A 111 -28.74 -0.18 -7.56
N ALA A 112 -27.83 0.33 -8.38
CA ALA A 112 -28.23 1.25 -9.43
C ALA A 112 -28.44 0.50 -10.75
N GLY A 113 -28.49 -0.84 -10.71
CA GLY A 113 -28.82 -1.65 -11.85
C GLY A 113 -27.62 -1.99 -12.73
N ASN A 114 -26.38 -1.70 -12.30
CA ASN A 114 -25.22 -2.07 -13.10
C ASN A 114 -24.61 -3.36 -12.53
N GLU A 115 -24.98 -4.50 -13.11
CA GLU A 115 -24.44 -5.79 -12.75
C GLU A 115 -23.07 -5.98 -13.41
N GLN A 116 -22.85 -5.31 -14.55
CA GLN A 116 -21.71 -5.63 -15.40
C GLN A 116 -20.41 -5.16 -14.74
N VAL A 117 -20.45 -4.04 -14.04
CA VAL A 117 -19.23 -3.51 -13.46
C VAL A 117 -18.79 -4.39 -12.28
N GLY A 118 -19.74 -4.93 -11.48
CA GLY A 118 -19.40 -5.89 -10.43
C GLY A 118 -18.70 -7.11 -11.00
N PHE A 119 -19.23 -7.62 -12.12
CA PHE A 119 -18.63 -8.75 -12.78
C PHE A 119 -17.20 -8.40 -13.20
N ASP A 120 -17.06 -7.26 -13.87
CA ASP A 120 -15.78 -6.94 -14.46
C ASP A 120 -14.76 -6.63 -13.37
N LEU A 121 -15.20 -5.99 -12.29
CA LEU A 121 -14.29 -5.60 -11.22
C LEU A 121 -13.75 -6.86 -10.54
N VAL A 122 -14.65 -7.78 -10.19
CA VAL A 122 -14.26 -9.02 -9.53
C VAL A 122 -13.34 -9.80 -10.45
N LYS A 123 -13.72 -9.90 -11.71
CA LYS A 123 -12.94 -10.69 -12.64
C LYS A 123 -11.50 -10.18 -12.75
N ALA A 124 -11.36 -8.86 -12.96
CA ALA A 124 -10.03 -8.27 -13.06
C ALA A 124 -9.21 -8.56 -11.82
N CYS A 125 -9.80 -8.45 -10.62
CA CYS A 125 -9.08 -8.71 -9.39
C CYS A 125 -8.78 -10.20 -9.21
N LYS A 126 -9.74 -11.06 -9.55
N LYS A 126 -9.73 -11.07 -9.56
CA LYS A 126 -9.49 -12.49 -9.52
CA LYS A 126 -9.47 -12.51 -9.49
C LYS A 126 -8.32 -12.88 -10.43
C LYS A 126 -8.34 -12.90 -10.44
N GLU A 127 -8.26 -12.30 -11.62
CA GLU A 127 -7.23 -12.65 -12.57
C GLU A 127 -5.86 -12.30 -11.98
N ALA A 128 -5.77 -11.13 -11.36
CA ALA A 128 -4.51 -10.74 -10.73
C ALA A 128 -4.14 -11.74 -9.63
N CYS A 129 -5.11 -12.01 -8.75
CA CYS A 129 -4.93 -12.91 -7.62
C CYS A 129 -4.49 -14.30 -8.10
N ALA A 130 -5.19 -14.84 -9.11
CA ALA A 130 -4.97 -16.23 -9.51
C ALA A 130 -3.57 -16.43 -10.11
N ALA A 131 -3.10 -15.40 -10.82
CA ALA A 131 -1.76 -15.44 -11.39
C ALA A 131 -0.67 -15.46 -10.31
N ALA A 132 -0.97 -15.07 -9.09
CA ALA A 132 -0.03 -15.10 -7.98
C ALA A 132 -0.38 -16.14 -6.92
N ASN A 133 -1.34 -17.06 -7.18
CA ASN A 133 -1.76 -18.07 -6.21
C ASN A 133 -2.30 -17.42 -4.92
N VAL A 134 -3.00 -16.30 -5.08
CA VAL A 134 -3.66 -15.59 -3.99
C VAL A 134 -5.15 -15.84 -4.12
N LEU A 135 -5.83 -16.09 -3.01
CA LEU A 135 -7.27 -16.26 -3.02
C LEU A 135 -7.90 -14.89 -3.00
N LEU A 136 -9.04 -14.80 -3.68
CA LEU A 136 -9.86 -13.60 -3.66
C LEU A 136 -11.16 -13.86 -2.93
N LYS A 137 -11.38 -13.07 -1.85
CA LYS A 137 -12.68 -13.00 -1.24
C LYS A 137 -13.38 -11.75 -1.79
N VAL A 138 -14.72 -11.80 -1.91
CA VAL A 138 -15.50 -10.69 -2.38
C VAL A 138 -16.53 -10.31 -1.30
N ILE A 139 -16.40 -9.08 -0.80
CA ILE A 139 -17.31 -8.54 0.20
C ILE A 139 -18.46 -7.86 -0.53
N ILE A 140 -19.66 -8.41 -0.37
CA ILE A 140 -20.83 -7.86 -1.04
C ILE A 140 -21.59 -6.83 -0.22
N GLU A 141 -21.33 -6.72 1.06
CA GLU A 141 -21.98 -5.73 1.94
C GLU A 141 -23.50 -5.96 1.99
N THR A 142 -23.84 -7.09 2.61
CA THR A 142 -25.20 -7.53 2.78
C THR A 142 -25.98 -6.47 3.54
N GLY A 143 -25.34 -5.78 4.46
CA GLY A 143 -26.06 -4.81 5.28
C GLY A 143 -26.43 -3.53 4.52
N GLU A 144 -25.82 -3.28 3.37
CA GLU A 144 -26.21 -2.17 2.52
C GLU A 144 -27.16 -2.66 1.42
N LEU A 145 -26.95 -3.86 0.89
CA LEU A 145 -27.84 -4.40 -0.13
C LEU A 145 -29.22 -4.60 0.44
N LYS A 146 -29.27 -5.26 1.61
CA LYS A 146 -30.47 -5.45 2.43
C LYS A 146 -31.44 -6.49 1.86
N ASP A 147 -31.82 -6.29 0.62
CA ASP A 147 -32.82 -7.12 -0.03
C ASP A 147 -32.26 -8.49 -0.37
N GLU A 148 -33.05 -9.53 -0.12
CA GLU A 148 -32.62 -10.90 -0.38
C GLU A 148 -32.21 -11.08 -1.85
N ALA A 149 -33.02 -10.63 -2.81
CA ALA A 149 -32.67 -10.77 -4.21
C ALA A 149 -31.35 -10.09 -4.56
N LEU A 150 -31.05 -8.90 -3.97
CA LEU A 150 -29.81 -8.21 -4.24
C LEU A 150 -28.63 -8.96 -3.63
N ILE A 151 -28.81 -9.51 -2.43
CA ILE A 151 -27.77 -10.34 -1.83
C ILE A 151 -27.48 -11.55 -2.73
N ARG A 152 -28.52 -12.19 -3.27
CA ARG A 152 -28.28 -13.34 -4.13
C ARG A 152 -27.57 -12.94 -5.41
N LYS A 153 -27.98 -11.79 -6.01
CA LYS A 153 -27.44 -11.39 -7.28
C LYS A 153 -25.95 -11.05 -7.11
N ALA A 154 -25.63 -10.30 -6.08
CA ALA A 154 -24.25 -9.93 -5.82
C ALA A 154 -23.40 -11.17 -5.62
N SER A 155 -23.93 -12.13 -4.88
CA SER A 155 -23.23 -13.41 -4.63
C SER A 155 -23.01 -14.12 -5.96
N GLU A 156 -24.06 -14.15 -6.80
CA GLU A 156 -24.00 -14.84 -8.07
C GLU A 156 -22.98 -14.23 -9.02
N ILE A 157 -23.00 -12.88 -9.14
CA ILE A 157 -22.07 -12.19 -10.00
C ILE A 157 -20.63 -12.41 -9.52
N SER A 158 -20.42 -12.37 -8.19
CA SER A 158 -19.10 -12.58 -7.64
C SER A 158 -18.58 -13.99 -7.98
N ILE A 159 -19.44 -15.01 -7.83
CA ILE A 159 -19.06 -16.39 -8.10
C ILE A 159 -18.74 -16.53 -9.58
N LYS A 160 -19.65 -16.04 -10.43
CA LYS A 160 -19.42 -16.14 -11.86
C LYS A 160 -18.11 -15.49 -12.30
N ALA A 161 -17.75 -14.40 -11.64
CA ALA A 161 -16.53 -13.67 -12.00
C ALA A 161 -15.27 -14.33 -11.44
N GLY A 162 -15.43 -15.35 -10.58
CA GLY A 162 -14.33 -16.14 -10.06
C GLY A 162 -14.04 -15.93 -8.56
N ALA A 163 -14.93 -15.37 -7.76
CA ALA A 163 -14.64 -15.26 -6.34
C ALA A 163 -14.28 -16.63 -5.76
N ASP A 164 -13.26 -16.65 -4.91
CA ASP A 164 -12.90 -17.86 -4.18
C ASP A 164 -13.68 -17.95 -2.86
N PHE A 165 -14.11 -16.81 -2.38
CA PHE A 165 -14.98 -16.67 -1.23
C PHE A 165 -15.97 -15.55 -1.50
N ILE A 166 -17.17 -15.68 -0.91
CA ILE A 166 -18.04 -14.54 -0.80
C ILE A 166 -18.21 -14.26 0.68
N LYS A 167 -18.16 -12.95 1.00
CA LYS A 167 -18.03 -12.46 2.36
C LYS A 167 -19.17 -11.50 2.62
N THR A 168 -19.76 -11.51 3.82
CA THR A 168 -20.92 -10.68 4.06
C THR A 168 -20.62 -9.19 4.00
N SER A 169 -19.55 -8.73 4.68
CA SER A 169 -19.50 -7.37 5.19
C SER A 169 -18.07 -6.83 5.33
N THR A 170 -17.98 -5.49 5.29
CA THR A 170 -16.71 -4.84 5.55
C THR A 170 -16.46 -4.74 7.06
N GLY A 171 -17.54 -4.67 7.85
CA GLY A 171 -17.39 -4.38 9.25
C GLY A 171 -17.41 -2.87 9.51
N ARG A 172 -17.63 -2.06 8.46
CA ARG A 172 -17.55 -0.60 8.58
C ARG A 172 -18.88 0.12 8.37
N VAL A 173 -19.97 -0.64 8.27
CA VAL A 173 -21.31 -0.10 8.10
C VAL A 173 -22.13 -0.61 9.28
N ALA A 174 -23.33 -0.09 9.45
CA ALA A 174 -24.08 -0.31 10.66
C ALA A 174 -24.52 -1.77 10.72
N VAL A 175 -24.83 -2.36 9.57
CA VAL A 175 -25.39 -3.72 9.53
C VAL A 175 -24.37 -4.63 8.88
N ASN A 176 -23.89 -5.63 9.64
CA ASN A 176 -22.93 -6.58 9.09
C ASN A 176 -23.63 -7.92 8.95
N ALA A 177 -22.96 -9.04 9.22
CA ALA A 177 -23.60 -10.34 9.00
C ALA A 177 -24.80 -10.50 9.90
N THR A 178 -25.77 -11.30 9.42
CA THR A 178 -26.82 -11.87 10.23
C THR A 178 -26.91 -13.35 9.86
N PRO A 179 -27.55 -14.19 10.69
CA PRO A 179 -27.77 -15.58 10.29
C PRO A 179 -28.51 -15.73 8.96
N GLU A 180 -29.48 -14.83 8.73
CA GLU A 180 -30.26 -14.80 7.53
C GLU A 180 -29.40 -14.48 6.32
N SER A 181 -28.56 -13.43 6.39
CA SER A 181 -27.75 -13.12 5.22
C SER A 181 -26.73 -14.22 4.95
N ALA A 182 -26.19 -14.81 6.02
CA ALA A 182 -25.27 -15.92 5.90
C ALA A 182 -25.95 -17.10 5.21
N ARG A 183 -27.17 -17.43 5.64
CA ARG A 183 -27.94 -18.51 5.01
C ARG A 183 -28.14 -18.26 3.51
N ILE A 184 -28.55 -17.02 3.18
CA ILE A 184 -28.87 -16.68 1.81
C ILE A 184 -27.63 -16.88 0.97
N MET A 185 -26.48 -16.37 1.43
CA MET A 185 -25.27 -16.48 0.66
C MET A 185 -24.81 -17.92 0.48
N MET A 186 -24.89 -18.72 1.53
CA MET A 186 -24.49 -20.12 1.41
C MET A 186 -25.49 -20.89 0.52
N GLU A 187 -26.76 -20.54 0.59
CA GLU A 187 -27.73 -21.08 -0.39
C GLU A 187 -27.34 -20.77 -1.84
N VAL A 188 -26.78 -19.59 -2.12
CA VAL A 188 -26.34 -19.34 -3.46
C VAL A 188 -25.21 -20.27 -3.87
N ILE A 189 -24.23 -20.44 -2.97
CA ILE A 189 -23.13 -21.35 -3.28
C ILE A 189 -23.74 -22.72 -3.68
N ARG A 190 -24.65 -23.21 -2.84
CA ARG A 190 -25.23 -24.53 -3.05
C ARG A 190 -26.01 -24.60 -4.37
N ASP A 191 -26.88 -23.59 -4.59
CA ASP A 191 -27.75 -23.51 -5.76
C ASP A 191 -26.91 -23.39 -7.03
N MET A 192 -25.74 -22.72 -6.93
CA MET A 192 -24.88 -22.60 -8.09
C MET A 192 -24.08 -23.88 -8.31
N GLY A 193 -24.01 -24.70 -7.28
CA GLY A 193 -23.25 -25.93 -7.37
C GLY A 193 -21.75 -25.74 -7.19
N VAL A 194 -21.33 -24.64 -6.52
CA VAL A 194 -19.90 -24.30 -6.47
C VAL A 194 -19.27 -24.50 -5.09
N GLU A 195 -19.86 -25.35 -4.25
CA GLU A 195 -19.40 -25.50 -2.87
C GLU A 195 -17.96 -26.03 -2.82
N LYS A 196 -17.46 -26.71 -3.85
CA LYS A 196 -16.11 -27.20 -3.85
C LYS A 196 -15.12 -26.03 -3.97
N SER A 197 -15.47 -25.02 -4.77
CA SER A 197 -14.54 -23.94 -5.12
C SER A 197 -14.79 -22.63 -4.40
N VAL A 198 -15.92 -22.48 -3.71
CA VAL A 198 -16.27 -21.16 -3.21
C VAL A 198 -16.56 -21.28 -1.72
N GLY A 199 -15.81 -20.52 -0.91
CA GLY A 199 -16.06 -20.46 0.52
C GLY A 199 -16.96 -19.30 0.91
N PHE A 200 -17.29 -19.25 2.20
CA PHE A 200 -18.15 -18.24 2.78
C PHE A 200 -17.45 -17.62 3.97
N LYS A 201 -17.49 -16.29 4.10
CA LYS A 201 -16.94 -15.64 5.28
CA LYS A 201 -16.94 -15.63 5.27
C LYS A 201 -17.97 -14.71 5.93
N VAL A 202 -18.12 -14.88 7.22
CA VAL A 202 -18.93 -14.05 8.09
C VAL A 202 -18.06 -12.93 8.65
N THR A 203 -18.44 -11.67 8.43
CA THR A 203 -17.80 -10.54 9.12
C THR A 203 -18.84 -9.75 9.88
N GLY A 204 -18.56 -9.57 11.16
CA GLY A 204 -19.47 -8.95 12.09
C GLY A 204 -20.65 -9.88 12.40
N GLY A 205 -21.56 -9.38 13.24
CA GLY A 205 -22.68 -10.15 13.72
C GLY A 205 -22.31 -11.45 14.44
N VAL A 206 -21.09 -11.62 14.93
CA VAL A 206 -20.72 -12.89 15.51
C VAL A 206 -19.82 -12.59 16.71
N SER A 207 -20.45 -12.12 17.79
CA SER A 207 -19.80 -11.62 18.98
C SER A 207 -19.41 -12.73 19.94
N THR A 208 -20.13 -13.85 19.92
CA THR A 208 -19.95 -14.84 20.95
C THR A 208 -19.71 -16.22 20.34
N ALA A 209 -19.15 -17.10 21.19
CA ALA A 209 -19.05 -18.51 20.93
C ALA A 209 -20.36 -19.11 20.46
N GLU A 210 -21.45 -18.72 21.13
CA GLU A 210 -22.76 -19.28 20.80
C GLU A 210 -23.18 -18.84 19.39
N ASP A 211 -22.90 -17.59 19.05
CA ASP A 211 -23.15 -17.08 17.73
C ASP A 211 -22.39 -17.87 16.69
N ALA A 212 -21.10 -18.10 16.93
CA ALA A 212 -20.28 -18.83 15.99
C ALA A 212 -20.81 -20.23 15.73
N GLN A 213 -21.29 -20.87 16.79
CA GLN A 213 -21.82 -22.21 16.65
C GLN A 213 -23.01 -22.23 15.68
N LYS A 214 -23.86 -21.21 15.76
CA LYS A 214 -25.06 -21.12 14.91
C LYS A 214 -24.70 -20.95 13.44
N TYR A 215 -23.74 -20.05 13.18
CA TYR A 215 -23.26 -19.83 11.85
C TYR A 215 -22.66 -21.09 11.26
N LEU A 216 -21.88 -21.84 12.02
CA LEU A 216 -21.32 -23.07 11.51
C LEU A 216 -22.43 -24.09 11.27
N ALA A 217 -23.45 -24.09 12.13
CA ALA A 217 -24.54 -25.05 11.98
C ALA A 217 -25.23 -24.86 10.64
N ILE A 218 -25.38 -23.61 10.19
CA ILE A 218 -26.00 -23.39 8.89
C ILE A 218 -25.20 -24.13 7.81
N ALA A 219 -23.87 -23.99 7.85
CA ALA A 219 -23.00 -24.59 6.84
C ALA A 219 -23.09 -26.12 6.92
N ASP A 220 -23.05 -26.64 8.16
CA ASP A 220 -23.16 -28.07 8.39
C ASP A 220 -24.43 -28.63 7.74
N GLU A 221 -25.55 -27.93 7.95
CA GLU A 221 -26.85 -28.37 7.47
C GLU A 221 -26.92 -28.31 5.94
N LEU A 222 -26.33 -27.28 5.33
CA LEU A 222 -26.38 -27.14 3.89
C LEU A 222 -25.38 -28.07 3.22
N PHE A 223 -24.16 -28.28 3.77
CA PHE A 223 -23.10 -28.90 2.98
C PHE A 223 -22.56 -30.18 3.64
N GLY A 224 -23.01 -30.50 4.86
CA GLY A 224 -22.39 -31.54 5.66
C GLY A 224 -21.28 -30.95 6.54
N ALA A 225 -20.93 -31.67 7.60
CA ALA A 225 -20.11 -31.17 8.69
C ALA A 225 -18.63 -31.07 8.32
N ASP A 226 -18.22 -31.66 7.18
CA ASP A 226 -16.82 -31.63 6.77
C ASP A 226 -16.55 -30.44 5.85
N TRP A 227 -17.61 -29.75 5.41
CA TRP A 227 -17.40 -28.75 4.40
C TRP A 227 -16.59 -27.54 4.89
N ALA A 228 -16.90 -27.03 6.07
CA ALA A 228 -16.38 -25.77 6.57
C ALA A 228 -14.95 -25.87 7.13
N ASP A 229 -13.99 -26.14 6.25
CA ASP A 229 -12.58 -26.07 6.58
C ASP A 229 -12.12 -24.66 6.22
N ALA A 230 -10.85 -24.40 6.37
CA ALA A 230 -10.39 -23.03 6.24
C ALA A 230 -10.43 -22.59 4.78
N ARG A 231 -10.46 -23.52 3.80
CA ARG A 231 -10.64 -23.09 2.43
C ARG A 231 -12.10 -22.71 2.14
N HIS A 232 -13.08 -23.05 3.03
CA HIS A 232 -14.49 -22.82 2.72
C HIS A 232 -15.23 -21.94 3.73
N TYR A 233 -14.61 -21.63 4.88
CA TYR A 233 -15.33 -20.91 5.90
C TYR A 233 -14.34 -20.07 6.71
N ARG A 234 -14.71 -18.81 6.95
CA ARG A 234 -13.97 -17.94 7.82
C ARG A 234 -14.90 -17.05 8.65
N PHE A 235 -14.36 -16.59 9.79
CA PHE A 235 -15.02 -15.64 10.68
C PHE A 235 -14.11 -14.47 10.98
N SER A 236 -14.70 -13.27 11.05
CA SER A 236 -14.05 -12.09 11.62
CA SER A 236 -14.04 -12.12 11.68
CA SER A 236 -14.06 -12.12 11.66
C SER A 236 -15.09 -11.29 12.41
N ALA A 237 -14.76 -10.92 13.66
CA ALA A 237 -15.59 -10.03 14.42
C ALA A 237 -14.86 -9.60 15.69
N SER A 238 -15.01 -8.33 16.01
CA SER A 238 -14.42 -7.79 17.23
CA SER A 238 -14.44 -7.78 17.23
C SER A 238 -14.97 -8.56 18.42
N GLY A 239 -14.08 -8.99 19.32
CA GLY A 239 -14.52 -9.60 20.55
C GLY A 239 -14.70 -11.12 20.42
N LEU A 240 -14.77 -11.63 19.19
CA LEU A 240 -15.10 -13.04 19.02
C LEU A 240 -13.98 -13.92 19.57
N LEU A 241 -12.72 -13.55 19.32
CA LEU A 241 -11.63 -14.43 19.73
C LEU A 241 -11.65 -14.63 21.24
N ALA A 242 -11.80 -13.52 21.96
CA ALA A 242 -11.90 -13.52 23.43
C ALA A 242 -13.04 -14.42 23.88
N SER A 243 -14.17 -14.41 23.15
CA SER A 243 -15.33 -15.19 23.55
C SER A 243 -15.04 -16.68 23.34
N LEU A 244 -14.41 -17.02 22.21
CA LEU A 244 -14.02 -18.39 21.90
C LEU A 244 -13.08 -18.93 22.97
N LEU A 245 -12.08 -18.13 23.32
CA LEU A 245 -11.07 -18.58 24.28
C LEU A 245 -11.69 -18.81 25.64
N LYS A 246 -12.60 -17.92 26.02
CA LYS A 246 -13.34 -18.04 27.27
C LYS A 246 -14.14 -19.33 27.28
N ALA A 247 -14.82 -19.68 26.18
CA ALA A 247 -15.57 -20.93 26.11
C ALA A 247 -14.63 -22.11 26.32
N LEU A 248 -13.36 -21.97 25.90
CA LEU A 248 -12.41 -23.06 25.91
C LEU A 248 -11.61 -23.02 27.22
N GLY A 249 -11.90 -22.07 28.10
CA GLY A 249 -11.35 -22.08 29.45
C GLY A 249 -10.15 -21.15 29.62
N HIS A 250 -9.83 -20.34 28.60
CA HIS A 250 -8.70 -19.43 28.66
C HIS A 250 -9.17 -18.02 29.02
N ASP B 3 17.68 36.48 -13.26
CA ASP B 3 16.41 36.84 -12.57
C ASP B 3 16.03 35.76 -11.56
N LEU B 4 15.41 36.22 -10.47
CA LEU B 4 14.78 35.33 -9.50
C LEU B 4 13.53 34.73 -10.12
N LYS B 5 12.91 35.46 -11.06
CA LYS B 5 11.74 34.97 -11.77
C LYS B 5 12.12 33.76 -12.64
N ALA B 6 13.15 33.93 -13.47
CA ALA B 6 13.64 32.85 -14.30
C ALA B 6 13.96 31.63 -13.45
N SER B 7 14.69 31.86 -12.36
CA SER B 7 15.09 30.79 -11.46
C SER B 7 13.89 30.07 -10.86
N SER B 8 12.91 30.87 -10.41
CA SER B 8 11.73 30.36 -9.74
C SER B 8 10.89 29.50 -10.69
N LEU B 9 10.69 29.99 -11.92
CA LEU B 9 9.97 29.21 -12.93
C LEU B 9 10.67 27.88 -13.18
N ARG B 10 11.99 27.91 -13.29
CA ARG B 10 12.75 26.70 -13.50
C ARG B 10 12.55 25.74 -12.32
N ALA B 11 12.70 26.25 -11.09
CA ALA B 11 12.56 25.42 -9.92
C ALA B 11 11.15 24.81 -9.80
N LEU B 12 10.11 25.59 -10.07
CA LEU B 12 8.74 25.08 -9.99
C LEU B 12 8.58 23.83 -10.86
N LYS B 13 9.16 23.87 -12.07
CA LYS B 13 9.04 22.79 -13.03
C LYS B 13 9.89 21.59 -12.65
N LEU B 14 10.73 21.75 -11.61
CA LEU B 14 11.52 20.63 -11.09
C LEU B 14 10.96 20.11 -9.77
N MET B 15 9.78 20.58 -9.32
CA MET B 15 9.32 20.20 -8.00
C MET B 15 8.66 18.81 -8.02
N ASP B 16 8.94 18.05 -6.96
CA ASP B 16 8.12 16.90 -6.62
C ASP B 16 7.19 17.34 -5.51
N LEU B 17 5.96 17.74 -5.88
CA LEU B 17 5.10 18.41 -4.92
C LEU B 17 4.47 17.39 -3.99
N SER B 18 4.51 17.63 -2.68
CA SER B 18 3.91 16.70 -1.73
C SER B 18 3.05 17.52 -0.77
N THR B 19 2.06 16.90 -0.15
CA THR B 19 1.10 17.64 0.65
C THR B 19 1.81 18.42 1.73
N THR B 25 -5.92 11.91 3.39
CA THR B 25 -7.26 11.76 2.75
C THR B 25 -7.16 11.94 1.23
N ASP B 26 -8.11 11.30 0.53
CA ASP B 26 -8.24 11.42 -0.90
C ASP B 26 -8.44 12.87 -1.30
N GLU B 27 -9.18 13.63 -0.48
CA GLU B 27 -9.46 15.02 -0.80
C GLU B 27 -8.15 15.80 -0.86
N LYS B 28 -7.27 15.51 0.08
CA LYS B 28 -6.00 16.19 0.14
C LYS B 28 -5.15 15.83 -1.06
N VAL B 29 -5.21 14.55 -1.49
CA VAL B 29 -4.44 14.10 -2.63
C VAL B 29 -4.94 14.82 -3.88
N ILE B 30 -6.26 14.90 -4.01
CA ILE B 30 -6.89 15.50 -5.18
C ILE B 30 -6.47 16.95 -5.23
N ALA B 31 -6.54 17.65 -4.10
CA ALA B 31 -6.11 19.05 -4.02
C ALA B 31 -4.63 19.18 -4.40
N LEU B 32 -3.79 18.26 -3.94
CA LEU B 32 -2.39 18.29 -4.28
C LEU B 32 -2.26 18.26 -5.79
N CYS B 33 -3.04 17.36 -6.41
CA CYS B 33 -2.95 17.20 -7.85
C CYS B 33 -3.31 18.52 -8.55
N HIS B 34 -4.37 19.15 -8.04
CA HIS B 34 -4.82 20.43 -8.58
C HIS B 34 -3.74 21.50 -8.43
N GLN B 35 -3.11 21.50 -7.26
CA GLN B 35 -2.09 22.50 -6.98
C GLN B 35 -0.85 22.32 -7.87
N ALA B 36 -0.55 21.08 -8.30
CA ALA B 36 0.58 20.82 -9.19
C ALA B 36 0.45 21.45 -10.57
N LYS B 37 -0.80 21.73 -11.01
CA LYS B 37 -1.06 22.38 -12.27
C LYS B 37 -1.23 23.88 -12.02
N THR B 38 -0.10 24.57 -12.05
CA THR B 38 -0.07 25.94 -11.57
C THR B 38 -0.33 26.86 -12.75
N PRO B 39 -0.65 28.14 -12.49
CA PRO B 39 -0.81 29.10 -13.58
C PRO B 39 0.41 29.30 -14.48
N VAL B 40 1.63 28.99 -13.97
CA VAL B 40 2.83 29.17 -14.79
C VAL B 40 3.40 27.87 -15.34
N GLY B 41 2.74 26.73 -15.07
CA GLY B 41 3.21 25.45 -15.53
C GLY B 41 3.04 24.36 -14.47
N ASN B 42 3.39 23.14 -14.87
CA ASN B 42 3.22 21.96 -14.05
C ASN B 42 4.50 21.69 -13.29
N THR B 43 4.36 21.21 -12.06
CA THR B 43 5.53 20.64 -11.37
C THR B 43 5.99 19.41 -12.14
N ALA B 44 7.19 18.89 -11.82
CA ALA B 44 7.68 17.68 -12.46
C ALA B 44 6.82 16.48 -12.04
N ALA B 45 6.44 16.50 -10.75
CA ALA B 45 5.83 15.35 -10.12
C ALA B 45 4.96 15.80 -8.97
N ILE B 46 4.11 14.85 -8.53
CA ILE B 46 3.56 14.89 -7.19
C ILE B 46 4.17 13.70 -6.45
N SER B 47 4.17 13.80 -5.11
CA SER B 47 4.75 12.79 -4.24
CA SER B 47 4.75 12.82 -4.21
C SER B 47 3.72 12.45 -3.16
N VAL B 48 3.29 11.18 -3.14
CA VAL B 48 2.24 10.73 -2.25
C VAL B 48 2.68 9.37 -1.73
N TYR B 49 2.06 8.96 -0.61
CA TYR B 49 2.17 7.59 -0.15
C TYR B 49 1.63 6.58 -1.19
N PRO B 50 2.14 5.34 -1.22
CA PRO B 50 1.79 4.38 -2.26
C PRO B 50 0.30 4.20 -2.45
N ARG B 51 -0.43 4.14 -1.33
CA ARG B 51 -1.85 3.86 -1.37
C ARG B 51 -2.63 4.95 -2.09
N SER B 52 -2.04 6.16 -2.22
CA SER B 52 -2.71 7.27 -2.86
C SER B 52 -2.44 7.37 -4.37
N ILE B 53 -1.61 6.48 -4.92
CA ILE B 53 -1.23 6.58 -6.30
C ILE B 53 -2.44 6.46 -7.22
N PRO B 54 -3.34 5.47 -7.05
CA PRO B 54 -4.42 5.33 -8.02
C PRO B 54 -5.30 6.57 -8.12
N ILE B 55 -5.72 7.12 -6.98
CA ILE B 55 -6.57 8.30 -7.04
C ILE B 55 -5.79 9.51 -7.58
N ALA B 56 -4.48 9.59 -7.33
CA ALA B 56 -3.69 10.66 -7.92
C ALA B 56 -3.67 10.53 -9.43
N ARG B 57 -3.50 9.30 -9.92
CA ARG B 57 -3.36 9.08 -11.36
C ARG B 57 -4.68 9.47 -12.02
N LYS B 58 -5.79 9.04 -11.42
CA LYS B 58 -7.10 9.43 -11.93
C LYS B 58 -7.26 10.95 -12.00
N THR B 59 -6.83 11.65 -10.94
CA THR B 59 -7.03 13.09 -10.87
C THR B 59 -6.15 13.78 -11.91
N LEU B 60 -4.88 13.36 -12.03
CA LEU B 60 -3.99 13.98 -13.02
C LEU B 60 -4.56 13.81 -14.43
N LYS B 61 -5.10 12.63 -14.77
CA LYS B 61 -5.62 12.35 -16.10
C LYS B 61 -6.85 13.22 -16.35
N GLU B 62 -7.69 13.34 -15.30
CA GLU B 62 -8.94 14.07 -15.41
C GLU B 62 -8.68 15.55 -15.67
N GLN B 63 -7.66 16.14 -15.03
CA GLN B 63 -7.42 17.55 -15.22
C GLN B 63 -6.52 17.86 -16.40
N GLY B 64 -6.15 16.85 -17.19
CA GLY B 64 -5.40 17.06 -18.40
C GLY B 64 -3.90 17.28 -18.16
N THR B 65 -3.35 16.70 -17.08
CA THR B 65 -1.91 16.79 -16.90
C THR B 65 -1.33 15.39 -16.71
N PRO B 66 -1.51 14.47 -17.68
CA PRO B 66 -1.07 13.08 -17.52
C PRO B 66 0.45 12.92 -17.46
N GLU B 67 1.19 13.98 -17.84
CA GLU B 67 2.64 13.95 -17.85
C GLU B 67 3.23 14.38 -16.51
N ILE B 68 2.42 14.82 -15.53
CA ILE B 68 2.95 15.04 -14.21
C ILE B 68 3.27 13.66 -13.62
N ARG B 69 4.52 13.43 -13.20
CA ARG B 69 4.94 12.10 -12.75
C ARG B 69 4.39 11.85 -11.35
N ILE B 70 4.19 10.57 -11.01
CA ILE B 70 3.79 10.22 -9.66
C ILE B 70 4.99 9.54 -8.97
N ALA B 71 5.56 10.22 -7.98
CA ALA B 71 6.58 9.61 -7.15
C ALA B 71 5.98 9.18 -5.82
N THR B 72 6.64 8.18 -5.19
CA THR B 72 6.20 7.75 -3.87
C THR B 72 7.43 7.45 -3.04
N VAL B 73 7.24 6.90 -1.83
CA VAL B 73 8.33 6.63 -0.92
C VAL B 73 8.16 5.21 -0.39
N THR B 74 9.33 4.56 -0.23
CA THR B 74 9.40 3.24 0.39
C THR B 74 10.56 3.19 1.40
N ASN B 75 10.53 2.16 2.26
CA ASN B 75 11.49 2.00 3.34
C ASN B 75 11.50 3.28 4.16
N PHE B 76 10.32 3.92 4.27
CA PHE B 76 10.25 5.32 4.64
C PHE B 76 9.45 5.55 5.92
N PRO B 77 9.81 6.53 6.82
CA PRO B 77 11.05 7.32 6.67
C PRO B 77 12.29 6.72 7.32
N HIS B 78 12.13 5.50 7.89
CA HIS B 78 13.09 4.93 8.81
C HIS B 78 14.41 4.51 8.19
N GLY B 79 14.43 4.12 6.93
CA GLY B 79 15.66 3.57 6.33
C GLY B 79 16.18 2.33 7.04
N ASN B 80 15.25 1.48 7.45
CA ASN B 80 15.65 0.23 8.08
C ASN B 80 16.47 -0.60 7.11
N ASP B 81 17.12 -1.67 7.59
CA ASP B 81 18.01 -2.47 6.77
C ASP B 81 17.46 -3.87 6.49
N ASP B 82 16.13 -3.99 6.49
CA ASP B 82 15.47 -5.21 6.04
C ASP B 82 15.17 -5.10 4.55
N ILE B 83 15.96 -5.80 3.73
CA ILE B 83 15.90 -5.69 2.29
C ILE B 83 14.57 -6.25 1.79
N GLU B 84 14.12 -7.36 2.41
CA GLU B 84 12.90 -7.98 1.93
C GLU B 84 11.73 -7.01 2.11
N ILE B 85 11.66 -6.32 3.25
CA ILE B 85 10.62 -5.35 3.47
C ILE B 85 10.69 -4.20 2.45
N ALA B 86 11.89 -3.62 2.29
CA ALA B 86 12.04 -2.50 1.39
C ALA B 86 11.64 -2.89 -0.02
N LEU B 87 12.07 -4.09 -0.44
CA LEU B 87 11.72 -4.60 -1.75
C LEU B 87 10.21 -4.79 -1.92
N ALA B 88 9.55 -5.42 -0.92
CA ALA B 88 8.11 -5.67 -0.95
C ALA B 88 7.37 -4.35 -1.15
N GLU B 89 7.76 -3.33 -0.39
CA GLU B 89 7.13 -2.02 -0.45
C GLU B 89 7.36 -1.41 -1.83
N THR B 90 8.58 -1.57 -2.36
CA THR B 90 8.96 -1.02 -3.68
C THR B 90 8.11 -1.72 -4.74
N ARG B 91 8.00 -3.05 -4.68
CA ARG B 91 7.16 -3.75 -5.64
C ARG B 91 5.71 -3.33 -5.52
N ALA B 92 5.21 -3.11 -4.31
CA ALA B 92 3.85 -2.61 -4.19
C ALA B 92 3.70 -1.22 -4.79
N ALA B 93 4.64 -0.31 -4.50
CA ALA B 93 4.63 1.02 -5.13
C ALA B 93 4.50 0.90 -6.64
N ILE B 94 5.31 0.04 -7.24
CA ILE B 94 5.30 -0.18 -8.68
C ILE B 94 3.92 -0.67 -9.11
N ALA B 95 3.37 -1.63 -8.35
CA ALA B 95 2.11 -2.22 -8.72
C ALA B 95 0.95 -1.24 -8.58
N TYR B 96 1.03 -0.33 -7.62
CA TYR B 96 0.07 0.75 -7.51
C TYR B 96 0.04 1.69 -8.72
N GLY B 97 1.17 1.81 -9.45
CA GLY B 97 1.29 2.62 -10.65
C GLY B 97 2.32 3.75 -10.53
N ALA B 98 3.22 3.68 -9.55
CA ALA B 98 4.20 4.75 -9.43
C ALA B 98 4.98 4.92 -10.73
N ASP B 99 5.42 6.14 -11.02
CA ASP B 99 6.41 6.43 -12.04
C ASP B 99 7.83 6.45 -11.45
N GLU B 100 7.93 6.81 -10.18
CA GLU B 100 9.19 6.89 -9.46
C GLU B 100 9.00 6.45 -8.02
N VAL B 101 10.03 5.79 -7.44
CA VAL B 101 10.07 5.39 -6.06
C VAL B 101 11.30 6.00 -5.42
N ASP B 102 11.07 6.68 -4.30
CA ASP B 102 12.14 7.27 -3.52
C ASP B 102 12.28 6.36 -2.31
N VAL B 103 13.31 5.52 -2.32
CA VAL B 103 13.54 4.60 -1.22
C VAL B 103 14.56 5.20 -0.25
N VAL B 104 14.39 4.87 1.03
CA VAL B 104 15.33 5.35 2.05
C VAL B 104 16.48 4.34 2.16
N PHE B 105 17.70 4.86 1.95
CA PHE B 105 18.92 4.08 2.11
C PHE B 105 19.06 3.70 3.59
N PRO B 106 19.62 2.50 3.88
CA PRO B 106 19.85 2.06 5.26
C PRO B 106 21.04 2.80 5.86
N TYR B 107 20.80 4.07 6.20
CA TYR B 107 21.91 4.94 6.61
C TYR B 107 22.46 4.58 7.99
N ARG B 108 21.60 4.13 8.92
CA ARG B 108 22.08 3.68 10.21
C ARG B 108 22.98 2.46 10.04
N ALA B 109 22.67 1.56 9.09
CA ALA B 109 23.52 0.39 8.86
C ALA B 109 24.88 0.84 8.38
N LEU B 110 24.90 1.87 7.53
CA LEU B 110 26.17 2.37 7.03
C LEU B 110 26.98 3.00 8.17
N MET B 111 26.29 3.69 9.07
CA MET B 111 26.99 4.36 10.16
C MET B 111 27.54 3.32 11.12
N ALA B 112 26.97 2.12 11.08
CA ALA B 112 27.46 1.00 11.86
C ALA B 112 28.45 0.15 11.06
N GLY B 113 28.92 0.62 9.90
CA GLY B 113 30.02 0.00 9.17
C GLY B 113 29.58 -0.99 8.10
N ASN B 114 28.27 -1.10 7.86
CA ASN B 114 27.75 -2.09 6.93
C ASN B 114 27.43 -1.37 5.64
N GLU B 115 28.35 -1.43 4.71
CA GLU B 115 28.19 -0.85 3.38
C GLU B 115 27.37 -1.79 2.52
N GLN B 116 27.53 -3.10 2.74
CA GLN B 116 27.01 -4.10 1.82
C GLN B 116 25.48 -4.05 1.80
N VAL B 117 24.84 -3.89 2.96
CA VAL B 117 23.40 -3.98 3.00
C VAL B 117 22.81 -2.82 2.21
N GLY B 118 23.42 -1.64 2.31
CA GLY B 118 22.96 -0.50 1.52
C GLY B 118 23.02 -0.77 0.02
N PHE B 119 24.14 -1.35 -0.41
CA PHE B 119 24.30 -1.72 -1.80
C PHE B 119 23.21 -2.71 -2.20
N ASP B 120 23.04 -3.76 -1.39
CA ASP B 120 22.11 -4.80 -1.78
C ASP B 120 20.68 -4.29 -1.76
N LEU B 121 20.33 -3.44 -0.79
CA LEU B 121 18.97 -2.91 -0.68
C LEU B 121 18.66 -2.05 -1.92
N VAL B 122 19.60 -1.16 -2.25
CA VAL B 122 19.40 -0.24 -3.37
C VAL B 122 19.31 -1.07 -4.65
N LYS B 123 20.18 -2.06 -4.79
CA LYS B 123 20.22 -2.84 -6.01
C LYS B 123 18.92 -3.63 -6.20
N ALA B 124 18.42 -4.25 -5.12
CA ALA B 124 17.21 -5.06 -5.22
C ALA B 124 16.05 -4.15 -5.66
N CYS B 125 15.97 -2.95 -5.04
CA CYS B 125 14.91 -2.02 -5.38
C CYS B 125 15.07 -1.54 -6.82
N LYS B 126 16.30 -1.22 -7.24
CA LYS B 126 16.57 -0.78 -8.59
C LYS B 126 16.12 -1.84 -9.62
N GLU B 127 16.45 -3.10 -9.34
CA GLU B 127 16.11 -4.19 -10.25
C GLU B 127 14.60 -4.21 -10.50
N ALA B 128 13.81 -4.08 -9.42
CA ALA B 128 12.36 -4.11 -9.55
C ALA B 128 11.88 -2.92 -10.37
N CYS B 129 12.40 -1.74 -10.03
CA CYS B 129 12.02 -0.51 -10.70
C CYS B 129 12.31 -0.59 -12.20
N ALA B 130 13.54 -0.95 -12.54
CA ALA B 130 14.00 -0.94 -13.92
C ALA B 130 13.17 -1.87 -14.78
N ALA B 131 12.79 -3.01 -14.18
CA ALA B 131 11.90 -3.95 -14.83
C ALA B 131 10.57 -3.30 -15.23
N ALA B 132 10.07 -2.33 -14.45
CA ALA B 132 8.80 -1.69 -14.71
C ALA B 132 8.96 -0.29 -15.32
N ASN B 133 10.18 0.07 -15.75
CA ASN B 133 10.49 1.42 -16.25
C ASN B 133 10.11 2.49 -15.24
N VAL B 134 10.46 2.24 -13.98
CA VAL B 134 10.21 3.15 -12.89
C VAL B 134 11.57 3.67 -12.42
N LEU B 135 11.65 4.99 -12.18
CA LEU B 135 12.87 5.58 -11.70
C LEU B 135 12.97 5.36 -10.18
N LEU B 136 14.20 5.12 -9.75
CA LEU B 136 14.53 4.96 -8.34
C LEU B 136 15.42 6.10 -7.85
N LYS B 137 14.89 6.80 -6.84
CA LYS B 137 15.63 7.82 -6.13
C LYS B 137 16.00 7.20 -4.79
N VAL B 138 17.19 7.50 -4.30
CA VAL B 138 17.64 6.98 -3.02
C VAL B 138 17.91 8.14 -2.07
N ILE B 139 17.18 8.12 -0.98
CA ILE B 139 17.31 9.09 0.10
C ILE B 139 18.40 8.58 1.01
N ILE B 140 19.46 9.40 1.17
CA ILE B 140 20.55 9.02 2.04
C ILE B 140 20.46 9.61 3.45
N GLU B 141 19.61 10.60 3.68
CA GLU B 141 19.42 11.23 4.99
C GLU B 141 20.68 11.95 5.48
N THR B 142 21.07 12.98 4.72
CA THR B 142 22.33 13.70 4.98
C THR B 142 22.34 14.29 6.40
N GLY B 143 21.16 14.64 6.88
CA GLY B 143 20.96 15.23 8.18
C GLY B 143 21.23 14.28 9.33
N GLU B 144 21.20 12.97 9.06
CA GLU B 144 21.56 12.00 10.08
C GLU B 144 23.00 11.54 9.89
N LEU B 145 23.48 11.43 8.67
CA LEU B 145 24.82 11.01 8.37
C LEU B 145 25.78 12.07 8.90
N LYS B 146 25.42 13.34 8.65
CA LYS B 146 26.15 14.54 9.10
C LYS B 146 27.51 14.69 8.40
N ASP B 147 28.32 13.68 8.53
CA ASP B 147 29.70 13.67 8.12
C ASP B 147 29.84 13.64 6.60
N GLU B 148 30.76 14.49 6.09
CA GLU B 148 31.08 14.55 4.67
C GLU B 148 31.47 13.17 4.12
N ALA B 149 32.30 12.42 4.85
CA ALA B 149 32.77 11.15 4.32
C ALA B 149 31.60 10.18 4.15
N LEU B 150 30.71 10.15 5.15
CA LEU B 150 29.57 9.25 5.13
C LEU B 150 28.61 9.68 4.02
N ILE B 151 28.43 10.99 3.82
CA ILE B 151 27.51 11.44 2.78
C ILE B 151 28.05 10.99 1.43
N ARG B 152 29.36 11.16 1.21
CA ARG B 152 29.96 10.69 -0.02
C ARG B 152 29.76 9.18 -0.15
N LYS B 153 30.00 8.47 0.95
CA LYS B 153 30.01 7.01 0.91
C LYS B 153 28.62 6.52 0.53
N ALA B 154 27.59 7.08 1.18
CA ALA B 154 26.22 6.68 0.92
C ALA B 154 25.87 6.95 -0.55
N SER B 155 26.28 8.12 -1.04
CA SER B 155 26.04 8.52 -2.41
C SER B 155 26.73 7.58 -3.40
N GLU B 156 27.98 7.23 -3.13
CA GLU B 156 28.72 6.34 -4.01
C GLU B 156 28.06 4.96 -4.07
N ILE B 157 27.71 4.42 -2.90
CA ILE B 157 27.15 3.06 -2.82
C ILE B 157 25.83 3.05 -3.61
N SER B 158 24.98 4.05 -3.32
CA SER B 158 23.71 4.20 -4.03
C SER B 158 23.95 4.21 -5.53
N ILE B 159 24.83 5.08 -6.02
CA ILE B 159 25.08 5.14 -7.44
C ILE B 159 25.56 3.80 -8.02
N LYS B 160 26.54 3.19 -7.37
CA LYS B 160 27.06 1.90 -7.82
C LYS B 160 25.95 0.84 -7.89
N ALA B 161 24.99 0.91 -6.96
CA ALA B 161 23.90 -0.05 -6.94
C ALA B 161 22.80 0.27 -7.97
N GLY B 162 22.86 1.44 -8.64
CA GLY B 162 22.02 1.76 -9.79
C GLY B 162 20.96 2.84 -9.48
N ALA B 163 21.14 3.60 -8.42
CA ALA B 163 20.30 4.77 -8.17
C ALA B 163 20.18 5.64 -9.43
N ASP B 164 18.95 6.05 -9.77
CA ASP B 164 18.71 6.98 -10.86
C ASP B 164 18.82 8.42 -10.37
N PHE B 165 18.56 8.62 -9.08
CA PHE B 165 18.74 9.88 -8.38
C PHE B 165 19.28 9.60 -6.99
N ILE B 166 20.08 10.54 -6.48
CA ILE B 166 20.34 10.59 -5.06
C ILE B 166 19.70 11.84 -4.47
N LYS B 167 19.11 11.65 -3.29
CA LYS B 167 18.26 12.62 -2.65
C LYS B 167 18.73 12.88 -1.22
N THR B 168 18.64 14.13 -0.75
CA THR B 168 19.26 14.49 0.52
C THR B 168 18.57 13.78 1.68
N SER B 169 17.23 13.80 1.71
CA SER B 169 16.50 13.80 2.96
C SER B 169 15.10 13.22 2.82
N THR B 170 14.54 12.74 3.95
CA THR B 170 13.13 12.32 4.00
C THR B 170 12.21 13.48 4.30
N GLY B 171 12.75 14.56 4.89
CA GLY B 171 11.93 15.66 5.35
C GLY B 171 11.32 15.37 6.71
N ARG B 172 11.69 14.24 7.31
CA ARG B 172 11.04 13.80 8.55
C ARG B 172 12.00 13.80 9.74
N VAL B 173 13.23 14.30 9.56
CA VAL B 173 14.19 14.40 10.65
C VAL B 173 14.48 15.89 10.89
N ALA B 174 15.25 16.21 11.93
CA ALA B 174 15.51 17.58 12.33
C ALA B 174 16.21 18.38 11.24
N VAL B 175 17.17 17.74 10.55
CA VAL B 175 17.98 18.47 9.60
C VAL B 175 17.84 17.79 8.24
N ASN B 176 17.39 18.57 7.24
CA ASN B 176 17.19 18.06 5.89
C ASN B 176 18.33 18.64 5.05
N ALA B 177 18.06 19.14 3.86
CA ALA B 177 19.11 19.54 2.96
C ALA B 177 19.81 20.76 3.53
N THR B 178 21.10 20.85 3.23
CA THR B 178 21.84 22.11 3.32
C THR B 178 22.54 22.31 2.00
N PRO B 179 23.03 23.54 1.70
CA PRO B 179 23.81 23.73 0.48
C PRO B 179 25.07 22.90 0.40
N GLU B 180 25.71 22.73 1.55
CA GLU B 180 26.91 21.92 1.60
C GLU B 180 26.60 20.44 1.33
N SER B 181 25.56 19.88 1.93
CA SER B 181 25.28 18.48 1.62
C SER B 181 24.83 18.29 0.16
N ALA B 182 24.15 19.29 -0.43
CA ALA B 182 23.85 19.29 -1.85
C ALA B 182 25.11 19.31 -2.72
N ARG B 183 26.08 20.16 -2.36
CA ARG B 183 27.31 20.26 -3.11
C ARG B 183 28.09 18.96 -3.05
N ILE B 184 28.16 18.36 -1.86
CA ILE B 184 28.90 17.12 -1.68
C ILE B 184 28.29 16.04 -2.57
N MET B 185 26.94 15.94 -2.56
CA MET B 185 26.29 14.89 -3.32
C MET B 185 26.47 15.12 -4.82
N MET B 186 26.37 16.38 -5.28
CA MET B 186 26.56 16.61 -6.70
C MET B 186 28.01 16.40 -7.10
N GLU B 187 28.93 16.65 -6.17
CA GLU B 187 30.33 16.40 -6.44
C GLU B 187 30.56 14.91 -6.65
N VAL B 188 29.88 14.07 -5.87
CA VAL B 188 30.01 12.64 -6.10
C VAL B 188 29.53 12.24 -7.48
N ILE B 189 28.39 12.77 -7.92
CA ILE B 189 27.87 12.52 -9.26
C ILE B 189 28.91 12.90 -10.32
N ARG B 190 29.50 14.07 -10.17
CA ARG B 190 30.50 14.52 -11.13
C ARG B 190 31.74 13.63 -11.07
N ASP B 191 32.28 13.44 -9.86
CA ASP B 191 33.53 12.72 -9.70
C ASP B 191 33.39 11.30 -10.22
N MET B 192 32.20 10.69 -10.09
CA MET B 192 32.02 9.34 -10.56
C MET B 192 31.73 9.29 -12.06
N GLY B 193 31.56 10.45 -12.70
CA GLY B 193 31.31 10.56 -14.11
C GLY B 193 29.90 10.07 -14.49
N VAL B 194 28.92 10.18 -13.56
CA VAL B 194 27.60 9.59 -13.81
C VAL B 194 26.56 10.68 -14.02
N GLU B 195 26.97 11.91 -14.38
CA GLU B 195 26.03 13.02 -14.49
C GLU B 195 24.96 12.78 -15.56
N LYS B 196 25.22 11.92 -16.54
CA LYS B 196 24.19 11.63 -17.53
C LYS B 196 23.08 10.77 -16.96
N SER B 197 23.40 9.83 -16.07
CA SER B 197 22.44 8.81 -15.65
C SER B 197 21.90 9.03 -14.23
N VAL B 198 22.48 9.96 -13.45
CA VAL B 198 22.06 10.12 -12.07
C VAL B 198 21.70 11.56 -11.80
N GLY B 199 20.52 11.78 -11.22
CA GLY B 199 20.05 13.09 -10.82
C GLY B 199 20.26 13.36 -9.33
N PHE B 200 19.95 14.60 -8.93
CA PHE B 200 20.01 15.00 -7.55
C PHE B 200 18.70 15.61 -7.12
N LYS B 201 18.26 15.30 -5.91
CA LYS B 201 17.04 15.88 -5.40
CA LYS B 201 17.03 15.87 -5.40
C LYS B 201 17.28 16.44 -4.01
N VAL B 202 16.92 17.72 -3.85
CA VAL B 202 16.98 18.40 -2.56
C VAL B 202 15.61 18.33 -1.90
N THR B 203 15.57 17.82 -0.67
CA THR B 203 14.39 17.78 0.16
C THR B 203 14.65 18.58 1.42
N GLY B 204 13.78 19.54 1.70
CA GLY B 204 13.90 20.40 2.86
C GLY B 204 14.96 21.47 2.62
N GLY B 205 15.02 22.42 3.55
CA GLY B 205 15.97 23.52 3.55
C GLY B 205 15.85 24.45 2.34
N VAL B 206 14.72 24.39 1.61
CA VAL B 206 14.50 25.30 0.50
C VAL B 206 13.12 25.95 0.70
N SER B 207 13.10 26.96 1.58
CA SER B 207 11.86 27.60 1.97
C SER B 207 11.41 28.64 0.94
N THR B 208 12.39 29.27 0.26
CA THR B 208 12.15 30.47 -0.52
C THR B 208 12.66 30.29 -1.95
N ALA B 209 12.13 31.11 -2.85
CA ALA B 209 12.67 31.25 -4.18
C ALA B 209 14.18 31.52 -4.17
N GLU B 210 14.68 32.42 -3.30
CA GLU B 210 16.10 32.69 -3.20
C GLU B 210 16.91 31.42 -2.88
N ASP B 211 16.46 30.68 -1.88
CA ASP B 211 17.03 29.37 -1.60
C ASP B 211 17.10 28.52 -2.88
N ALA B 212 15.99 28.46 -3.62
CA ALA B 212 16.00 27.53 -4.72
C ALA B 212 17.05 27.95 -5.74
N GLN B 213 17.15 29.27 -5.96
CA GLN B 213 18.09 29.79 -6.90
C GLN B 213 19.52 29.37 -6.54
N LYS B 214 19.80 29.37 -5.23
CA LYS B 214 21.13 29.05 -4.72
C LYS B 214 21.42 27.57 -4.97
N TYR B 215 20.43 26.69 -4.69
CA TYR B 215 20.64 25.27 -4.93
C TYR B 215 20.82 25.00 -6.42
N LEU B 216 20.04 25.66 -7.29
CA LEU B 216 20.21 25.46 -8.73
C LEU B 216 21.58 25.93 -9.24
N ALA B 217 22.07 27.02 -8.64
CA ALA B 217 23.36 27.60 -8.99
C ALA B 217 24.48 26.60 -8.73
N ILE B 218 24.32 25.75 -7.70
CA ILE B 218 25.33 24.74 -7.43
C ILE B 218 25.43 23.79 -8.62
N ALA B 219 24.27 23.36 -9.13
CA ALA B 219 24.25 22.43 -10.24
C ALA B 219 24.84 23.08 -11.48
N ASP B 220 24.42 24.31 -11.76
CA ASP B 220 24.88 25.09 -12.91
C ASP B 220 26.39 25.24 -12.85
N GLU B 221 26.91 25.51 -11.67
CA GLU B 221 28.34 25.64 -11.49
C GLU B 221 29.06 24.33 -11.80
N LEU B 222 28.56 23.20 -11.30
CA LEU B 222 29.26 21.94 -11.36
C LEU B 222 29.21 21.37 -12.76
N PHE B 223 28.03 21.42 -13.39
CA PHE B 223 27.74 20.64 -14.58
C PHE B 223 27.46 21.51 -15.80
N GLY B 224 27.26 22.82 -15.64
CA GLY B 224 26.74 23.66 -16.71
C GLY B 224 25.23 23.81 -16.57
N ALA B 225 24.71 24.92 -17.10
CA ALA B 225 23.37 25.37 -16.71
C ALA B 225 22.27 24.59 -17.41
N ASP B 226 22.59 23.71 -18.37
CA ASP B 226 21.55 22.91 -19.02
C ASP B 226 21.38 21.56 -18.33
N TRP B 227 22.28 21.20 -17.41
CA TRP B 227 22.23 19.87 -16.84
C TRP B 227 20.94 19.60 -16.06
N ALA B 228 20.49 20.60 -15.28
CA ALA B 228 19.39 20.40 -14.33
C ALA B 228 18.00 20.44 -14.97
N ASP B 229 17.68 19.43 -15.75
CA ASP B 229 16.33 19.22 -16.27
C ASP B 229 15.62 18.26 -15.31
N ALA B 230 14.37 17.92 -15.64
CA ALA B 230 13.56 17.15 -14.70
C ALA B 230 14.15 15.75 -14.49
N ARG B 231 14.99 15.25 -15.41
CA ARG B 231 15.58 13.93 -15.24
C ARG B 231 16.75 13.98 -14.27
N HIS B 232 17.27 15.20 -14.00
CA HIS B 232 18.49 15.34 -13.23
C HIS B 232 18.38 16.18 -11.98
N TYR B 233 17.28 16.89 -11.76
CA TYR B 233 17.18 17.75 -10.62
C TYR B 233 15.72 17.84 -10.18
N ARG B 234 15.51 17.79 -8.86
CA ARG B 234 14.20 17.97 -8.27
C ARG B 234 14.31 18.67 -6.93
N PHE B 235 13.21 19.29 -6.54
CA PHE B 235 13.04 19.93 -5.26
C PHE B 235 11.76 19.48 -4.58
N SER B 236 11.84 19.35 -3.26
N SER B 236 11.82 19.36 -3.26
N SER B 236 11.85 19.28 -3.26
CA SER B 236 10.64 19.26 -2.45
CA SER B 236 10.61 19.26 -2.46
CA SER B 236 10.68 19.19 -2.41
C SER B 236 10.87 19.94 -1.12
C SER B 236 10.84 19.89 -1.10
C SER B 236 10.94 20.02 -1.17
N ALA B 237 9.97 20.84 -0.74
CA ALA B 237 10.03 21.48 0.54
C ALA B 237 8.67 22.12 0.85
N SER B 238 8.31 22.05 2.12
CA SER B 238 7.17 22.77 2.66
C SER B 238 7.30 24.27 2.38
N GLY B 239 6.26 24.84 1.76
CA GLY B 239 6.18 26.27 1.55
C GLY B 239 6.88 26.74 0.28
N LEU B 240 7.60 25.86 -0.43
CA LEU B 240 8.40 26.35 -1.54
C LEU B 240 7.49 26.77 -2.70
N LEU B 241 6.45 25.99 -3.00
CA LEU B 241 5.66 26.27 -4.19
C LEU B 241 5.04 27.67 -4.05
N ALA B 242 4.47 27.93 -2.88
CA ALA B 242 3.91 29.24 -2.59
C ALA B 242 4.96 30.35 -2.74
N SER B 243 6.16 30.16 -2.20
CA SER B 243 7.21 31.15 -2.32
C SER B 243 7.60 31.32 -3.79
N LEU B 244 7.60 30.22 -4.56
CA LEU B 244 7.93 30.37 -5.98
C LEU B 244 6.84 31.12 -6.72
N LEU B 245 5.57 30.82 -6.42
CA LEU B 245 4.51 31.46 -7.16
C LEU B 245 4.48 32.95 -6.83
N LYS B 246 4.81 33.29 -5.58
CA LYS B 246 4.75 34.68 -5.17
C LYS B 246 5.80 35.43 -5.96
N ALA B 247 7.02 34.89 -6.03
CA ALA B 247 8.07 35.49 -6.83
C ALA B 247 7.61 35.70 -8.26
N LEU B 248 6.65 34.87 -8.75
CA LEU B 248 6.26 34.91 -10.16
C LEU B 248 5.00 35.77 -10.32
N GLY B 249 4.49 36.33 -9.22
CA GLY B 249 3.33 37.22 -9.28
C GLY B 249 2.02 36.52 -8.97
N HIS B 250 2.04 35.26 -8.50
CA HIS B 250 0.80 34.61 -8.09
C HIS B 250 0.64 34.66 -6.57
C1 A1IB9 C . -13.40 -8.15 5.88
C2 A1IB9 C . -12.21 -7.50 6.33
C3 A1IB9 C . -12.30 -6.41 7.01
C4 A1IB9 C . -11.16 -5.72 7.60
C5 A1IB9 C . -11.25 -4.55 8.35
C6 A1IB9 C . -10.13 -3.95 8.89
C7 A1IB9 C . -8.89 -4.53 8.61
C8 A1IB9 C . -8.75 -5.69 7.87
C9 A1IB9 C . -9.90 -6.26 7.37
N1 A1IB9 C . -7.70 -3.95 9.14
O2 A1IB9 C . -6.67 -4.19 8.56
O3 A1IB9 C . -7.76 -3.32 10.20
C1 GOL D . -32.48 -10.15 4.45
O1 GOL D . -32.29 -10.15 3.04
C2 GOL D . -31.18 -9.95 5.19
O2 GOL D . -30.77 -8.59 5.08
C3 GOL D . -31.34 -10.34 6.65
O3 GOL D . -30.29 -9.83 7.48
C1 A1IB9 E . 11.44 12.61 -0.57
C2 A1IB9 E . 10.06 12.34 -0.46
C3 A1IB9 E . 9.44 12.75 0.60
C4 A1IB9 E . 8.01 12.61 0.84
C5 A1IB9 E . 7.46 12.95 2.09
C6 A1IB9 E . 6.13 12.76 2.33
C7 A1IB9 E . 5.33 12.27 1.31
C8 A1IB9 E . 5.83 11.91 0.07
C9 A1IB9 E . 7.17 12.13 -0.15
N1 A1IB9 E . 3.96 12.07 1.59
O2 A1IB9 E . 3.20 11.78 0.70
O3 A1IB9 E . 3.64 12.11 2.74
#